data_6UG1
#
_entry.id   6UG1
#
_cell.length_a   53.244
_cell.length_b   59.571
_cell.length_c   78.240
_cell.angle_alpha   105.510
_cell.angle_beta   97.880
_cell.angle_gamma   107.140
#
_symmetry.space_group_name_H-M   'P 1'
#
loop_
_entity.id
_entity.type
_entity.pdbx_description
1 polymer 'DNA repair protein RAD4'
2 polymer 'UV excision repair protein RAD23'
3 polymer "DNA (5'-D(*AP*TP*TP*GP*TP*AP*GP*GP*GP*AP*TP*GP*TP*CP*GP*AP*GP*TP*CP*A)-3')"
4 polymer "DNA (5'-D(*TP*TP*GP*AP*CP*TP*CP*(G47)P*AP*CP*AP*TP*CP*CP*CP*CP*TP*AP*CP*AP*A)-3')"
#
loop_
_entity_poly.entity_id
_entity_poly.type
_entity_poly.pdbx_seq_one_letter_code
_entity_poly.pdbx_strand_id
1 'polypeptide(L)'
;RNCSSNEERKRRKYFHMLYLVCLMVHGFIRNEWINSKRLSRKLSNLVPEKVFELLHPQKDEELPLRSTRKLLDGLKKCME
LWQKHWKITKKYDNEGLYMRTWKEIEMSANNKRKFKTLKRSDFLRAVSKGHGDPDISVQGFVAMLRACNVNARLIMSCQP
PDFTNMKIDTSLNGNNAYKDMVKYPIFWCEVWDKFSKKWITVDPVNLKTIEQVRLHSKLAPKGVACCERNMLRYVIAYDR
KYGCRDVTRRYAQWMNSKVRKRRITKDDFGEKWFRKVITALHHRKRTKIDDYEDQYFFRRDESEGIPDSVQDLKNHPYYV
LEQDIKQTQIVKPGCKECGYLKVHGKVGKVLKVYAKRDIADLKSARQWYMNGRILKTGSRCKKVIKRTVGRPKGEAEEDA
ERLYSFEDTELYIPPLASASGEITKNTFGNIEVFAPTMIPGNCCLVENPVAIKAARFLGVEFAPAVTSFKFERGSTVKPV
LSGIVVAKWLREAIETAIDGIEFI
;
A
2 'polypeptide(L)' AGLTVEDLLSLRQVVSGNPEALAPLLENISARYPQLREHIMANPEVFVSMLLEAVGD X
3 'polydeoxyribonucleotide'
;(DG)(DT)(DA)(DG)(DC)(DG)(DC)(DG)(DC)(DG)(DA)(DT)(DG)(DT)(DC)(DG)(DA)(DG)(DT)(DC)
(DA)
;
Y
4 'polydeoxyribonucleotide'
;(DT)(DG)(DA)(DC)(DT)(DC)(G47)(DA)(DC)(DA)(DT)(DC)(DG)(DC)(DG)(DC)(DG)(DC)(DT)
(DA)(DC)
;
W
#
# COMPACT_ATOMS: atom_id res chain seq x y z
N ARG A 1 -15.46 4.28 28.00
CA ARG A 1 -14.44 4.36 26.93
C ARG A 1 -13.39 3.28 26.89
N ASN A 2 -12.80 3.12 25.71
CA ASN A 2 -11.86 2.06 25.33
C ASN A 2 -10.95 2.65 24.26
N CYS A 3 -9.84 3.22 24.69
CA CYS A 3 -9.04 4.01 23.74
C CYS A 3 -7.60 3.98 24.16
N SER A 4 -6.73 3.98 23.18
CA SER A 4 -5.34 3.89 23.54
C SER A 4 -4.61 5.18 23.22
N SER A 5 -3.37 5.22 23.71
CA SER A 5 -2.47 6.35 23.59
C SER A 5 -2.03 6.58 22.16
N ASN A 6 -1.77 7.84 21.84
CA ASN A 6 -1.20 8.11 20.53
C ASN A 6 0.09 7.33 20.25
N GLU A 7 0.81 6.89 21.30
CA GLU A 7 2.02 6.07 21.11
C GLU A 7 1.64 4.68 20.58
N GLU A 8 0.70 4.04 21.27
CA GLU A 8 0.21 2.74 20.83
C GLU A 8 -0.38 2.84 19.41
N ARG A 9 -1.10 3.92 19.12
CA ARG A 9 -1.57 4.16 17.76
C ARG A 9 -0.43 3.98 16.79
N LYS A 10 0.69 4.66 17.06
CA LYS A 10 1.83 4.77 16.11
C LYS A 10 2.56 3.44 16.00
N ARG A 11 2.52 2.66 17.07
CA ARG A 11 3.16 1.34 17.08
C ARG A 11 2.35 0.42 16.19
N ARG A 12 1.02 0.52 16.30
CA ARG A 12 0.11 -0.32 15.55
C ARG A 12 0.27 -0.02 14.06
N LYS A 13 0.40 1.26 13.72
CA LYS A 13 0.62 1.57 12.31
C LYS A 13 1.95 0.95 11.81
N TYR A 14 3.04 1.08 12.61
CA TYR A 14 4.33 0.54 12.18
C TYR A 14 4.28 -0.97 12.07
N PHE A 15 3.81 -1.61 13.13
CA PHE A 15 3.84 -3.05 13.15
C PHE A 15 2.97 -3.57 12.02
N HIS A 16 1.87 -2.86 11.69
CA HIS A 16 1.04 -3.18 10.53
C HIS A 16 1.87 -3.15 9.26
N MET A 17 2.67 -2.11 9.09
CA MET A 17 3.49 -2.01 7.90
C MET A 17 4.46 -3.18 7.86
N LEU A 18 4.96 -3.56 9.04
CA LEU A 18 6.04 -4.53 9.11
C LEU A 18 5.52 -5.88 8.72
N TYR A 19 4.40 -6.20 9.34
CA TYR A 19 3.69 -7.46 9.17
C TYR A 19 3.22 -7.56 7.71
N LEU A 20 2.76 -6.44 7.15
CA LEU A 20 2.32 -6.45 5.76
C LEU A 20 3.52 -6.82 4.90
N VAL A 21 4.66 -6.15 5.10
CA VAL A 21 5.81 -6.38 4.23
C VAL A 21 6.21 -7.85 4.28
N CYS A 22 6.27 -8.39 5.47
CA CYS A 22 6.54 -9.82 5.62
C CYS A 22 5.55 -10.67 4.83
N LEU A 23 4.24 -10.47 5.04
CA LEU A 23 3.21 -11.22 4.30
C LEU A 23 3.49 -11.16 2.81
N MET A 24 3.59 -9.96 2.28
CA MET A 24 3.76 -9.81 0.84
C MET A 24 5.05 -10.46 0.33
N VAL A 25 6.13 -10.39 1.11
CA VAL A 25 7.35 -11.14 0.73
C VAL A 25 7.09 -12.65 0.73
N HIS A 26 6.37 -13.14 1.75
CA HIS A 26 6.06 -14.55 1.80
C HIS A 26 5.37 -14.96 0.54
N GLY A 27 4.46 -14.09 0.10
CA GLY A 27 3.78 -14.31 -1.17
C GLY A 27 4.83 -14.42 -2.25
N PHE A 28 5.71 -13.45 -2.30
CA PHE A 28 6.76 -13.48 -3.32
C PHE A 28 7.54 -14.83 -3.37
N ILE A 29 8.09 -15.28 -2.21
CA ILE A 29 8.86 -16.54 -2.09
C ILE A 29 7.99 -17.77 -2.40
N ARG A 30 6.74 -17.78 -1.89
CA ARG A 30 5.95 -18.98 -2.10
C ARG A 30 5.74 -19.10 -3.61
N ASN A 31 5.55 -17.95 -4.29
CA ASN A 31 5.30 -17.97 -5.73
C ASN A 31 6.52 -18.48 -6.48
N GLU A 32 7.72 -18.13 -5.99
CA GLU A 32 8.95 -18.76 -6.47
C GLU A 32 8.81 -20.29 -6.38
N TRP A 33 8.65 -20.80 -5.15
CA TRP A 33 8.55 -22.24 -4.90
C TRP A 33 7.52 -22.93 -5.80
N ILE A 34 6.46 -22.19 -6.16
CA ILE A 34 5.41 -22.71 -7.06
C ILE A 34 6.01 -23.01 -8.40
N ASN A 35 6.85 -22.10 -8.90
CA ASN A 35 7.52 -22.33 -10.20
C ASN A 35 8.54 -23.52 -10.27
N SER A 36 8.81 -24.21 -9.18
CA SER A 36 9.78 -25.32 -9.18
C SER A 36 9.62 -26.27 -10.35
N LYS A 37 10.74 -26.58 -11.03
CA LYS A 37 10.67 -27.25 -12.33
C LYS A 37 10.45 -28.73 -12.12
N ARG A 38 11.10 -29.26 -11.10
CA ARG A 38 10.90 -30.65 -10.73
C ARG A 38 9.44 -30.94 -10.39
N LEU A 39 8.77 -30.09 -9.62
CA LEU A 39 7.36 -30.36 -9.30
C LEU A 39 6.48 -30.23 -10.55
N SER A 40 6.65 -29.12 -11.26
CA SER A 40 5.84 -28.82 -12.43
C SER A 40 5.74 -30.04 -13.33
N ARG A 41 6.87 -30.64 -13.63
CA ARG A 41 6.86 -31.73 -14.59
C ARG A 41 6.00 -32.92 -14.14
N LYS A 42 6.03 -33.22 -12.84
CA LYS A 42 5.17 -34.27 -12.30
C LYS A 42 3.69 -33.88 -12.37
N LEU A 43 3.35 -32.64 -11.99
CA LEU A 43 1.93 -32.23 -12.01
C LEU A 43 1.35 -32.15 -13.41
N SER A 44 2.18 -31.89 -14.44
CA SER A 44 1.66 -31.79 -15.80
C SER A 44 0.94 -33.07 -16.24
N ASN A 45 1.52 -34.23 -15.93
CA ASN A 45 0.97 -35.51 -16.36
C ASN A 45 -0.42 -35.78 -15.75
N LEU A 46 -0.90 -34.91 -14.87
CA LEU A 46 -2.26 -34.95 -14.32
C LEU A 46 -3.31 -34.51 -15.35
N VAL A 47 -2.91 -33.92 -16.46
CA VAL A 47 -3.83 -33.17 -17.32
C VAL A 47 -3.89 -33.87 -18.68
N PRO A 48 -5.02 -34.56 -18.96
CA PRO A 48 -5.26 -35.23 -20.25
C PRO A 48 -5.09 -34.33 -21.46
N GLU A 49 -4.80 -34.93 -22.60
CA GLU A 49 -4.70 -34.16 -23.84
C GLU A 49 -5.97 -33.38 -24.14
N LYS A 50 -7.13 -33.95 -23.85
CA LYS A 50 -8.33 -33.21 -24.22
C LYS A 50 -8.42 -31.88 -23.48
N VAL A 51 -8.33 -31.95 -22.16
CA VAL A 51 -8.26 -30.76 -21.29
C VAL A 51 -7.09 -29.85 -21.65
N PHE A 52 -5.92 -30.40 -21.95
CA PHE A 52 -4.79 -29.54 -22.25
C PHE A 52 -5.15 -28.71 -23.50
N GLU A 53 -5.81 -29.34 -24.45
CA GLU A 53 -6.09 -28.63 -25.69
C GLU A 53 -7.10 -27.54 -25.39
N LEU A 54 -7.99 -27.81 -24.40
CA LEU A 54 -9.03 -26.86 -23.97
C LEU A 54 -8.39 -25.66 -23.30
N LEU A 55 -7.25 -25.89 -22.62
CA LEU A 55 -6.48 -24.85 -21.93
C LEU A 55 -5.68 -24.02 -22.89
N HIS A 56 -5.52 -24.44 -24.15
CA HIS A 56 -4.77 -23.65 -25.13
C HIS A 56 -5.51 -23.56 -26.46
N PRO A 57 -6.73 -23.06 -26.44
CA PRO A 57 -7.57 -23.10 -27.64
C PRO A 57 -7.00 -22.33 -28.82
N GLN A 58 -7.47 -22.70 -30.00
CA GLN A 58 -7.02 -22.07 -31.24
C GLN A 58 -7.69 -20.74 -31.36
N LYS A 59 -6.97 -19.78 -31.93
CA LYS A 59 -7.60 -18.50 -32.18
C LYS A 59 -8.84 -18.74 -33.05
N ASP A 60 -9.96 -18.16 -32.64
CA ASP A 60 -11.18 -18.21 -33.44
C ASP A 60 -11.46 -16.80 -33.90
N GLU A 61 -11.30 -16.56 -35.20
CA GLU A 61 -11.31 -15.18 -35.63
C GLU A 61 -12.72 -14.66 -35.70
N GLU A 62 -13.63 -15.50 -36.21
CA GLU A 62 -14.99 -15.02 -36.38
C GLU A 62 -15.70 -14.73 -35.07
N LEU A 63 -15.43 -15.51 -34.02
CA LEU A 63 -16.04 -15.30 -32.70
C LEU A 63 -15.13 -15.62 -31.54
N PRO A 64 -14.32 -14.67 -31.09
CA PRO A 64 -13.37 -15.02 -30.03
C PRO A 64 -14.03 -15.70 -28.84
N LEU A 65 -15.26 -15.33 -28.55
CA LEU A 65 -15.99 -15.89 -27.44
C LEU A 65 -15.86 -17.41 -27.34
N ARG A 66 -15.91 -18.13 -28.47
CA ARG A 66 -15.92 -19.58 -28.35
C ARG A 66 -14.59 -20.10 -27.80
N SER A 67 -13.52 -19.37 -28.03
CA SER A 67 -12.25 -19.75 -27.41
C SER A 67 -12.34 -19.54 -25.90
N THR A 68 -12.82 -18.37 -25.46
CA THR A 68 -13.04 -18.17 -24.04
C THR A 68 -13.81 -19.34 -23.42
N ARG A 69 -14.88 -19.77 -24.10
CA ARG A 69 -15.73 -20.80 -23.52
C ARG A 69 -14.93 -22.11 -23.35
N LYS A 70 -14.08 -22.40 -24.32
CA LYS A 70 -13.36 -23.65 -24.21
C LYS A 70 -12.44 -23.57 -23.00
N LEU A 71 -11.78 -22.44 -22.81
CA LEU A 71 -10.94 -22.26 -21.65
C LEU A 71 -11.71 -22.44 -20.34
N LEU A 72 -12.92 -21.89 -20.30
CA LEU A 72 -13.73 -22.03 -19.11
C LEU A 72 -14.02 -23.50 -18.86
N ASP A 73 -14.33 -24.25 -19.93
CA ASP A 73 -14.59 -25.66 -19.72
C ASP A 73 -13.33 -26.34 -19.20
N GLY A 74 -12.18 -25.99 -19.78
CA GLY A 74 -10.90 -26.48 -19.29
C GLY A 74 -10.70 -26.14 -17.82
N LEU A 75 -10.83 -24.86 -17.48
CA LEU A 75 -10.69 -24.47 -16.09
C LEU A 75 -11.60 -25.25 -15.16
N LYS A 76 -12.83 -25.54 -15.63
CA LYS A 76 -13.75 -26.31 -14.80
C LYS A 76 -13.29 -27.74 -14.70
N LYS A 77 -12.75 -28.28 -15.77
CA LYS A 77 -12.31 -29.66 -15.69
C LYS A 77 -11.09 -29.76 -14.77
N CYS A 78 -10.24 -28.73 -14.79
CA CYS A 78 -9.08 -28.74 -13.89
C CYS A 78 -9.51 -28.67 -12.45
N MET A 79 -10.47 -27.80 -12.17
CA MET A 79 -10.90 -27.68 -10.80
C MET A 79 -11.38 -29.03 -10.33
N GLU A 80 -12.13 -29.72 -11.20
CA GLU A 80 -12.64 -31.00 -10.79
C GLU A 80 -11.51 -31.96 -10.55
N LEU A 81 -10.60 -32.11 -11.50
CA LEU A 81 -9.59 -33.14 -11.24
C LEU A 81 -8.69 -32.75 -10.09
N TRP A 82 -8.62 -31.46 -9.76
CA TRP A 82 -7.83 -31.12 -8.61
C TRP A 82 -8.54 -31.55 -7.35
N GLN A 83 -9.86 -31.42 -7.33
CA GLN A 83 -10.59 -31.92 -6.19
C GLN A 83 -10.19 -33.36 -5.91
N LYS A 84 -9.91 -34.12 -6.97
CA LYS A 84 -9.63 -35.53 -6.82
C LYS A 84 -8.18 -35.76 -6.44
N HIS A 85 -7.25 -34.96 -6.99
CA HIS A 85 -5.87 -35.13 -6.62
C HIS A 85 -5.66 -34.80 -5.17
N TRP A 86 -6.41 -33.86 -4.64
CA TRP A 86 -6.07 -33.38 -3.32
C TRP A 86 -6.89 -34.29 -2.44
N LYS A 87 -6.14 -35.15 -1.81
CA LYS A 87 -6.64 -36.25 -1.05
C LYS A 87 -6.88 -35.85 0.40
N ILE A 88 -5.99 -35.04 0.99
CA ILE A 88 -6.07 -34.71 2.41
C ILE A 88 -6.14 -33.19 2.60
N THR A 89 -7.30 -32.65 3.01
CA THR A 89 -7.39 -31.20 3.24
C THR A 89 -7.46 -30.94 4.73
N LYS A 90 -6.44 -30.30 5.24
CA LYS A 90 -6.26 -30.10 6.66
C LYS A 90 -7.07 -28.91 7.11
N LYS A 91 -7.07 -28.69 8.41
CA LYS A 91 -7.68 -27.52 8.96
C LYS A 91 -6.53 -26.57 9.25
N TYR A 92 -6.78 -25.28 9.21
CA TYR A 92 -5.72 -24.37 9.62
C TYR A 92 -5.54 -24.66 11.11
N ASP A 93 -4.30 -24.85 11.54
CA ASP A 93 -4.04 -24.71 12.97
C ASP A 93 -4.35 -23.32 13.47
N ASN A 94 -5.00 -23.26 14.63
CA ASN A 94 -5.20 -21.91 15.12
C ASN A 94 -5.79 -21.13 13.93
N GLU A 95 -5.36 -19.90 13.72
CA GLU A 95 -6.06 -19.00 12.81
C GLU A 95 -5.48 -18.94 11.39
N GLY A 96 -4.50 -19.79 11.05
CA GLY A 96 -3.94 -19.76 9.71
C GLY A 96 -3.43 -18.37 9.43
N LEU A 97 -3.66 -17.88 8.20
CA LEU A 97 -3.22 -16.52 7.81
C LEU A 97 -4.32 -15.50 7.81
N TYR A 98 -5.47 -15.83 8.39
CA TYR A 98 -6.54 -14.86 8.59
C TYR A 98 -6.11 -13.76 9.58
N MET A 99 -6.86 -12.64 9.55
CA MET A 99 -6.49 -11.51 10.37
C MET A 99 -6.63 -11.90 11.84
N ARG A 100 -5.66 -11.46 12.68
CA ARG A 100 -5.58 -11.61 14.14
C ARG A 100 -5.76 -10.29 14.88
N THR A 101 -6.20 -10.42 16.15
CA THR A 101 -6.40 -9.29 17.05
C THR A 101 -5.12 -8.87 17.77
N TRP A 102 -5.01 -7.56 18.03
CA TRP A 102 -3.86 -7.03 18.75
C TRP A 102 -3.64 -7.84 20.01
N LYS A 103 -4.71 -8.17 20.71
CA LYS A 103 -4.52 -8.98 21.90
C LYS A 103 -3.90 -10.31 21.50
N GLU A 104 -4.43 -10.96 20.45
CA GLU A 104 -3.91 -12.27 20.05
C GLU A 104 -2.42 -12.22 19.74
N ILE A 105 -2.01 -11.25 18.92
CA ILE A 105 -0.58 -11.00 18.69
C ILE A 105 0.19 -10.83 19.98
N GLU A 106 -0.13 -9.80 20.75
CA GLU A 106 0.66 -9.56 21.96
C GLU A 106 0.86 -10.89 22.67
N MET A 107 -0.23 -11.67 22.80
CA MET A 107 -0.07 -12.92 23.52
C MET A 107 0.73 -13.95 22.75
N SER A 108 0.90 -13.83 21.42
CA SER A 108 1.66 -14.92 20.78
C SER A 108 3.13 -14.61 20.92
N ALA A 109 3.43 -13.30 20.98
CA ALA A 109 4.75 -12.74 21.30
C ALA A 109 5.22 -13.34 22.59
N ASN A 110 4.38 -13.20 23.61
CA ASN A 110 4.64 -13.63 24.97
C ASN A 110 5.06 -15.09 24.91
N ASN A 111 4.12 -16.01 24.59
CA ASN A 111 4.41 -17.45 24.49
C ASN A 111 5.16 -17.86 23.22
N LYS A 112 6.43 -18.29 23.45
CA LYS A 112 7.39 -18.73 22.43
C LYS A 112 7.28 -20.17 21.94
N ARG A 113 7.00 -21.13 22.83
CA ARG A 113 6.66 -22.50 22.45
C ARG A 113 7.73 -23.08 21.50
N LYS A 114 7.28 -23.97 20.60
CA LYS A 114 8.11 -24.75 19.70
C LYS A 114 7.44 -24.78 18.33
N PHE A 115 8.15 -24.43 17.26
CA PHE A 115 7.52 -24.25 15.96
C PHE A 115 8.33 -25.06 14.98
N LYS A 116 7.66 -26.00 14.36
CA LYS A 116 8.25 -26.80 13.30
C LYS A 116 8.46 -25.99 12.05
N THR A 117 9.73 -25.78 11.74
CA THR A 117 10.17 -25.19 10.51
C THR A 117 9.65 -26.03 9.33
N LEU A 118 9.43 -25.37 8.19
CA LEU A 118 8.81 -25.98 7.01
C LEU A 118 9.81 -26.21 5.89
N LYS A 119 10.32 -25.14 5.32
CA LYS A 119 11.10 -25.10 4.09
C LYS A 119 10.52 -25.73 2.84
N ARG A 120 11.36 -25.70 1.84
CA ARG A 120 10.90 -25.63 0.49
C ARG A 120 10.61 -27.06 0.08
N SER A 121 11.50 -27.97 0.52
CA SER A 121 11.36 -29.39 0.28
C SER A 121 10.03 -29.88 0.79
N ASP A 122 9.69 -29.49 2.02
CA ASP A 122 8.52 -30.08 2.69
C ASP A 122 7.26 -29.62 1.97
N PHE A 123 7.27 -28.37 1.51
CA PHE A 123 6.20 -27.85 0.65
C PHE A 123 6.00 -28.67 -0.60
N LEU A 124 7.06 -28.80 -1.40
CA LEU A 124 6.98 -29.66 -2.57
C LEU A 124 6.38 -31.04 -2.25
N ARG A 125 6.95 -31.74 -1.27
CA ARG A 125 6.46 -33.06 -0.88
C ARG A 125 4.96 -33.05 -0.59
N ALA A 126 4.51 -32.07 0.18
CA ALA A 126 3.09 -31.96 0.49
C ALA A 126 2.23 -31.88 -0.79
N VAL A 127 2.49 -30.85 -1.63
CA VAL A 127 1.77 -30.67 -2.92
C VAL A 127 1.75 -31.88 -3.84
N SER A 128 2.82 -32.67 -3.83
CA SER A 128 2.86 -33.84 -4.70
C SER A 128 2.05 -34.98 -4.08
N LYS A 129 2.10 -35.08 -2.75
CA LYS A 129 1.29 -36.09 -2.09
C LYS A 129 -0.19 -35.71 -2.13
N GLY A 130 -0.48 -34.41 -2.14
CA GLY A 130 -1.84 -33.91 -1.95
C GLY A 130 -2.24 -33.82 -0.49
N HIS A 131 -1.36 -33.33 0.38
CA HIS A 131 -1.66 -33.17 1.80
C HIS A 131 -1.45 -31.74 2.21
N GLY A 132 -2.52 -31.05 2.56
CA GLY A 132 -2.31 -29.76 3.17
C GLY A 132 -3.61 -29.02 3.34
N ASP A 133 -3.47 -27.85 3.93
CA ASP A 133 -4.61 -27.00 4.17
C ASP A 133 -5.02 -26.38 2.84
N PRO A 134 -6.07 -25.57 2.81
CA PRO A 134 -6.52 -25.00 1.52
C PRO A 134 -5.51 -24.06 0.86
N ASP A 135 -4.68 -23.39 1.65
CA ASP A 135 -3.66 -22.50 1.07
C ASP A 135 -2.71 -23.32 0.23
N ILE A 136 -2.18 -24.39 0.82
CA ILE A 136 -1.32 -25.26 0.05
C ILE A 136 -2.04 -25.75 -1.18
N SER A 137 -3.29 -26.22 -1.01
CA SER A 137 -4.06 -26.79 -2.12
C SER A 137 -4.16 -25.83 -3.30
N VAL A 138 -4.70 -24.63 -3.05
CA VAL A 138 -4.81 -23.69 -4.14
C VAL A 138 -3.45 -23.44 -4.77
N GLN A 139 -2.42 -23.18 -3.94
CA GLN A 139 -1.07 -22.89 -4.44
C GLN A 139 -0.60 -23.99 -5.36
N GLY A 140 -0.76 -25.24 -4.93
CA GLY A 140 -0.50 -26.37 -5.78
C GLY A 140 -1.28 -26.28 -7.09
N PHE A 141 -2.57 -25.93 -7.00
CA PHE A 141 -3.38 -25.82 -8.21
C PHE A 141 -2.77 -24.86 -9.22
N VAL A 142 -2.24 -23.76 -8.70
CA VAL A 142 -1.62 -22.79 -9.57
C VAL A 142 -0.35 -23.37 -10.20
N ALA A 143 0.47 -24.08 -9.40
CA ALA A 143 1.64 -24.77 -9.94
C ALA A 143 1.22 -25.63 -11.13
N MET A 144 0.18 -26.42 -10.94
CA MET A 144 -0.24 -27.30 -12.01
C MET A 144 -0.58 -26.50 -13.27
N LEU A 145 -1.35 -25.43 -13.14
CA LEU A 145 -1.71 -24.73 -14.35
C LEU A 145 -0.46 -24.26 -15.05
N ARG A 146 0.55 -23.94 -14.27
CA ARG A 146 1.74 -23.30 -14.82
C ARG A 146 2.55 -24.34 -15.59
N ALA A 147 2.65 -25.55 -15.02
CA ALA A 147 3.24 -26.67 -15.73
C ALA A 147 2.53 -26.99 -17.04
N CYS A 148 1.34 -26.46 -17.27
CA CYS A 148 0.68 -26.58 -18.55
C CYS A 148 0.85 -25.33 -19.41
N ASN A 149 1.72 -24.40 -18.98
CA ASN A 149 1.98 -23.18 -19.75
C ASN A 149 0.74 -22.31 -19.90
N VAL A 150 -0.03 -22.16 -18.83
CA VAL A 150 -1.05 -21.11 -18.81
C VAL A 150 -0.58 -19.96 -17.91
N ASN A 151 -1.03 -18.74 -18.25
CA ASN A 151 -0.57 -17.57 -17.54
C ASN A 151 -1.41 -17.48 -16.28
N ALA A 152 -0.85 -17.96 -15.19
CA ALA A 152 -1.64 -18.24 -14.00
C ALA A 152 -1.00 -17.53 -12.82
N ARG A 153 -1.71 -16.50 -12.34
CA ARG A 153 -1.28 -15.79 -11.18
C ARG A 153 -1.72 -16.53 -9.93
N LEU A 154 -0.96 -16.31 -8.86
CA LEU A 154 -1.36 -16.59 -7.49
C LEU A 154 -1.86 -15.29 -6.84
N ILE A 155 -3.04 -15.35 -6.24
CA ILE A 155 -3.63 -14.17 -5.61
C ILE A 155 -3.54 -14.42 -4.10
N MET A 156 -3.20 -13.38 -3.34
CA MET A 156 -3.09 -13.45 -1.88
C MET A 156 -3.77 -12.23 -1.26
N SER A 157 -4.72 -12.46 -0.38
CA SER A 157 -5.30 -11.34 0.33
C SER A 157 -4.58 -11.16 1.62
N CYS A 158 -3.70 -10.18 1.66
CA CYS A 158 -2.87 -10.03 2.83
C CYS A 158 -3.74 -9.44 3.95
N GLN A 159 -3.74 -10.13 5.09
CA GLN A 159 -4.51 -9.73 6.26
C GLN A 159 -3.56 -9.38 7.40
N PRO A 160 -2.89 -8.25 7.34
CA PRO A 160 -2.22 -7.74 8.53
C PRO A 160 -3.17 -7.23 9.59
N PRO A 161 -2.70 -7.10 10.82
CA PRO A 161 -3.56 -6.59 11.90
C PRO A 161 -4.01 -5.17 11.56
N ASP A 162 -5.20 -4.81 12.03
CA ASP A 162 -5.80 -3.55 11.63
C ASP A 162 -5.21 -2.31 12.36
N PHE A 163 -4.62 -1.43 11.59
CA PHE A 163 -3.99 -0.28 12.17
C PHE A 163 -5.01 0.83 12.36
N THR A 164 -6.26 0.60 11.95
CA THR A 164 -7.36 1.51 12.23
C THR A 164 -8.19 1.10 13.43
N ASN A 165 -7.82 0.01 14.08
CA ASN A 165 -8.45 -0.45 15.32
C ASN A 165 -7.76 0.14 16.54
N MET A 166 -8.47 1.07 17.17
CA MET A 166 -7.92 1.90 18.21
C MET A 166 -8.18 1.31 19.61
N LYS A 167 -9.00 0.25 19.70
CA LYS A 167 -9.54 -0.14 21.00
C LYS A 167 -8.52 -0.81 21.89
N ILE A 168 -8.64 -0.58 23.19
CA ILE A 168 -7.77 -1.29 24.13
C ILE A 168 -8.25 -2.67 24.51
N ASP A 169 -9.49 -3.07 24.21
CA ASP A 169 -9.92 -4.44 24.53
C ASP A 169 -9.72 -5.35 23.33
N THR A 170 -10.40 -5.08 22.21
CA THR A 170 -10.25 -5.85 20.97
C THR A 170 -10.78 -7.29 20.98
N SER A 171 -12.06 -7.50 21.33
CA SER A 171 -12.52 -8.86 21.59
C SER A 171 -13.68 -9.13 20.64
N LEU A 172 -13.74 -10.34 20.08
CA LEU A 172 -14.77 -10.73 19.11
C LEU A 172 -15.71 -11.85 19.56
N ASN A 173 -16.91 -11.85 18.96
CA ASN A 173 -17.88 -12.97 19.09
C ASN A 173 -17.44 -14.26 18.34
N ALA A 177 -15.96 -17.66 15.68
CA ALA A 177 -16.44 -18.84 14.96
C ALA A 177 -15.51 -19.34 13.82
N TYR A 178 -15.13 -20.63 13.81
CA TYR A 178 -14.25 -21.16 12.76
C TYR A 178 -14.93 -21.16 11.39
N LYS A 179 -16.18 -21.65 11.34
CA LYS A 179 -16.94 -21.68 10.10
C LYS A 179 -17.02 -20.29 9.50
N ASP A 180 -17.05 -19.27 10.35
CA ASP A 180 -17.21 -17.90 9.87
C ASP A 180 -15.92 -17.36 9.30
N MET A 181 -14.79 -17.86 9.78
CA MET A 181 -13.51 -17.43 9.26
C MET A 181 -13.21 -18.00 7.87
N VAL A 182 -13.66 -19.21 7.60
CA VAL A 182 -13.21 -19.90 6.41
C VAL A 182 -14.16 -19.71 5.24
N LYS A 183 -15.13 -18.82 5.41
CA LYS A 183 -16.16 -18.64 4.39
C LYS A 183 -15.58 -18.09 3.09
N TYR A 184 -14.55 -17.25 3.18
CA TYR A 184 -13.86 -16.75 2.00
C TYR A 184 -12.37 -17.02 2.11
N PRO A 185 -11.76 -17.28 0.96
CA PRO A 185 -10.35 -17.63 0.87
C PRO A 185 -9.37 -16.47 1.00
N ILE A 186 -8.20 -16.82 1.56
CA ILE A 186 -7.04 -15.93 1.53
C ILE A 186 -6.28 -16.07 0.21
N PHE A 187 -6.14 -17.32 -0.29
CA PHE A 187 -5.45 -17.56 -1.55
C PHE A 187 -6.39 -17.99 -2.65
N TRP A 188 -6.04 -17.60 -3.88
CA TRP A 188 -6.82 -18.06 -5.04
C TRP A 188 -6.00 -17.81 -6.29
N CYS A 189 -6.64 -17.92 -7.47
CA CYS A 189 -5.97 -17.96 -8.77
C CYS A 189 -6.58 -17.01 -9.78
N GLU A 190 -5.76 -16.39 -10.63
CA GLU A 190 -6.29 -15.75 -11.84
C GLU A 190 -5.65 -16.38 -13.07
N VAL A 191 -6.31 -16.31 -14.22
CA VAL A 191 -5.84 -16.96 -15.46
C VAL A 191 -6.18 -16.02 -16.60
N TRP A 192 -5.26 -15.80 -17.52
CA TRP A 192 -5.43 -14.75 -18.53
C TRP A 192 -6.09 -15.28 -19.81
N ASP A 193 -7.20 -14.62 -20.18
CA ASP A 193 -7.91 -14.87 -21.42
C ASP A 193 -7.39 -13.90 -22.48
N LYS A 194 -6.59 -14.46 -23.41
CA LYS A 194 -6.04 -13.72 -24.55
C LYS A 194 -7.10 -13.27 -25.56
N PHE A 195 -8.27 -13.94 -25.58
CA PHE A 195 -9.38 -13.69 -26.51
C PHE A 195 -10.27 -12.55 -26.02
N SER A 196 -10.64 -12.55 -24.73
CA SER A 196 -11.46 -11.47 -24.20
C SER A 196 -10.61 -10.44 -23.45
N LYS A 197 -9.25 -10.68 -23.39
CA LYS A 197 -8.26 -9.74 -22.86
C LYS A 197 -8.54 -9.43 -21.40
N LYS A 198 -9.05 -10.43 -20.67
CA LYS A 198 -9.35 -10.21 -19.26
C LYS A 198 -8.83 -11.31 -18.38
N TRP A 199 -8.65 -10.99 -17.11
CA TRP A 199 -8.25 -11.98 -16.13
C TRP A 199 -9.44 -12.72 -15.56
N ILE A 200 -9.38 -14.03 -15.64
CA ILE A 200 -10.40 -14.89 -15.06
C ILE A 200 -10.04 -15.25 -13.63
N THR A 201 -10.98 -15.12 -12.75
CA THR A 201 -10.82 -15.46 -11.36
C THR A 201 -11.18 -16.92 -11.10
N VAL A 202 -10.36 -17.62 -10.34
CA VAL A 202 -10.59 -19.04 -10.14
C VAL A 202 -10.32 -19.39 -8.68
N ASP A 203 -11.31 -19.94 -7.99
CA ASP A 203 -11.08 -20.43 -6.63
C ASP A 203 -11.49 -21.90 -6.63
N PRO A 204 -10.53 -22.79 -6.91
CA PRO A 204 -10.77 -24.22 -7.02
C PRO A 204 -10.94 -24.94 -5.69
N VAL A 205 -10.57 -24.34 -4.55
CA VAL A 205 -10.58 -25.08 -3.29
C VAL A 205 -11.73 -24.62 -2.38
N ASN A 206 -11.88 -23.32 -2.13
CA ASN A 206 -12.96 -22.91 -1.21
C ASN A 206 -14.33 -22.84 -1.96
N LEU A 207 -14.60 -21.77 -2.74
CA LEU A 207 -15.88 -21.56 -3.41
C LEU A 207 -16.09 -22.45 -4.65
N LYS A 208 -15.03 -23.08 -5.14
CA LYS A 208 -15.12 -23.98 -6.29
C LYS A 208 -15.89 -23.27 -7.38
N THR A 209 -15.58 -22.02 -7.59
CA THR A 209 -16.14 -21.37 -8.75
C THR A 209 -15.08 -20.73 -9.59
N ILE A 210 -15.59 -20.34 -10.75
CA ILE A 210 -14.90 -19.62 -11.78
C ILE A 210 -15.78 -18.44 -12.12
N GLU A 211 -15.23 -17.23 -12.07
CA GLU A 211 -16.02 -16.05 -12.37
C GLU A 211 -15.20 -15.16 -13.29
N GLN A 212 -15.88 -14.48 -14.21
CA GLN A 212 -15.21 -13.43 -14.97
C GLN A 212 -15.67 -12.14 -14.32
N VAL A 213 -14.86 -11.67 -13.38
CA VAL A 213 -15.31 -10.54 -12.60
C VAL A 213 -15.42 -9.36 -13.54
N ARG A 214 -16.58 -8.71 -13.50
CA ARG A 214 -16.77 -7.43 -14.15
C ARG A 214 -16.91 -6.35 -13.08
N LEU A 215 -18.09 -6.14 -12.48
CA LEU A 215 -18.22 -5.16 -11.41
C LEU A 215 -18.42 -5.75 -10.02
N HIS A 216 -18.65 -7.05 -9.91
CA HIS A 216 -18.97 -7.64 -8.61
C HIS A 216 -18.30 -9.00 -8.57
N SER A 217 -17.80 -9.41 -7.41
CA SER A 217 -17.12 -10.69 -7.32
C SER A 217 -17.58 -11.47 -6.08
N LYS A 218 -17.80 -12.77 -6.30
CA LYS A 218 -18.27 -13.71 -5.28
C LYS A 218 -17.26 -13.89 -4.15
N LEU A 219 -16.01 -13.58 -4.40
CA LEU A 219 -14.90 -13.84 -3.48
C LEU A 219 -14.71 -12.80 -2.41
N ALA A 220 -15.26 -11.60 -2.60
CA ALA A 220 -15.10 -10.51 -1.64
C ALA A 220 -16.03 -10.73 -0.44
N PRO A 221 -15.48 -10.83 0.76
CA PRO A 221 -16.26 -11.30 1.92
C PRO A 221 -17.36 -10.32 2.30
N LYS A 222 -18.51 -10.88 2.73
CA LYS A 222 -19.68 -10.11 3.18
C LYS A 222 -20.24 -10.59 4.51
N GLY A 223 -20.72 -9.61 5.27
CA GLY A 223 -21.42 -9.71 6.54
C GLY A 223 -20.49 -9.46 7.71
N VAL A 224 -21.00 -8.78 8.73
CA VAL A 224 -20.14 -8.25 9.78
C VAL A 224 -19.30 -9.37 10.42
N ALA A 225 -19.88 -10.56 10.58
CA ALA A 225 -19.25 -11.65 11.34
C ALA A 225 -18.06 -12.20 10.58
N CYS A 226 -18.21 -12.35 9.27
CA CYS A 226 -17.17 -12.93 8.45
C CYS A 226 -15.96 -12.01 8.28
N CYS A 227 -16.18 -10.69 8.34
CA CYS A 227 -15.12 -9.70 8.14
C CYS A 227 -14.31 -9.47 9.39
N GLU A 228 -14.59 -10.18 10.48
CA GLU A 228 -13.78 -9.96 11.66
C GLU A 228 -12.38 -10.47 11.44
N ARG A 229 -12.27 -11.62 10.79
CA ARG A 229 -11.00 -12.27 10.51
C ARG A 229 -10.54 -12.09 9.06
N ASN A 230 -11.37 -11.53 8.16
CA ASN A 230 -10.99 -11.26 6.78
C ASN A 230 -11.51 -9.87 6.38
N MET A 231 -10.60 -8.91 6.28
CA MET A 231 -10.88 -7.49 6.05
C MET A 231 -10.14 -7.14 4.75
N LEU A 232 -10.86 -7.00 3.65
CA LEU A 232 -10.18 -7.01 2.38
C LEU A 232 -9.49 -5.67 2.10
N ARG A 233 -8.17 -5.71 1.96
CA ARG A 233 -7.37 -4.49 1.89
C ARG A 233 -6.31 -4.48 0.81
N TYR A 234 -5.53 -5.56 0.80
CA TYR A 234 -4.45 -5.75 -0.16
C TYR A 234 -4.54 -7.09 -0.92
N VAL A 235 -5.03 -7.05 -2.14
CA VAL A 235 -5.08 -8.26 -2.92
C VAL A 235 -3.92 -8.19 -3.88
N ILE A 236 -2.91 -9.05 -3.64
CA ILE A 236 -1.67 -9.06 -4.40
C ILE A 236 -1.66 -10.27 -5.31
N ALA A 237 -1.33 -10.01 -6.57
CA ALA A 237 -1.21 -10.96 -7.67
C ALA A 237 0.28 -11.18 -8.02
N TYR A 238 0.73 -12.40 -7.94
CA TYR A 238 2.06 -12.80 -8.40
C TYR A 238 2.01 -13.70 -9.62
N ASP A 239 2.77 -13.40 -10.67
CA ASP A 239 2.73 -14.14 -11.92
C ASP A 239 3.97 -15.02 -12.18
N ARG A 240 3.92 -15.80 -13.28
CA ARG A 240 5.01 -16.73 -13.66
C ARG A 240 6.39 -16.06 -13.70
N LYS A 241 6.45 -14.85 -14.24
CA LYS A 241 7.68 -14.16 -14.56
C LYS A 241 8.12 -13.24 -13.43
N TYR A 242 7.54 -13.46 -12.23
CA TYR A 242 7.86 -12.76 -10.97
C TYR A 242 7.43 -11.26 -10.98
N GLY A 243 6.31 -10.97 -11.66
CA GLY A 243 5.48 -9.78 -11.39
C GLY A 243 4.84 -9.77 -10.00
N CYS A 244 4.57 -8.55 -9.51
CA CYS A 244 3.76 -8.34 -8.32
C CYS A 244 2.92 -7.09 -8.52
N ARG A 245 1.60 -7.28 -8.50
CA ARG A 245 0.65 -6.23 -8.86
C ARG A 245 -0.44 -6.21 -7.82
N ASP A 246 -0.81 -4.99 -7.45
CA ASP A 246 -1.86 -4.83 -6.47
C ASP A 246 -3.16 -4.95 -7.26
N VAL A 247 -3.95 -6.02 -7.04
CA VAL A 247 -5.19 -6.18 -7.82
C VAL A 247 -6.48 -5.92 -6.99
N THR A 248 -6.37 -5.32 -5.82
CA THR A 248 -7.54 -5.02 -5.04
C THR A 248 -8.74 -4.46 -5.83
N ARG A 249 -8.51 -3.51 -6.75
CA ARG A 249 -9.61 -2.88 -7.49
C ARG A 249 -10.53 -3.90 -8.18
N ARG A 250 -9.99 -5.04 -8.63
CA ARG A 250 -10.90 -6.07 -9.15
C ARG A 250 -11.91 -6.50 -8.13
N TYR A 251 -11.45 -6.70 -6.90
CA TYR A 251 -12.20 -7.40 -5.89
C TYR A 251 -12.95 -6.44 -4.96
N ALA A 252 -12.65 -5.14 -4.96
CA ALA A 252 -13.34 -4.15 -4.09
C ALA A 252 -14.54 -3.47 -4.75
N GLN A 253 -15.72 -3.70 -4.20
CA GLN A 253 -16.87 -2.99 -4.76
C GLN A 253 -16.76 -1.47 -4.50
N TRP A 254 -16.49 -1.05 -3.24
CA TRP A 254 -16.20 0.36 -2.88
C TRP A 254 -14.72 0.55 -2.55
N MET A 255 -13.90 0.81 -3.56
CA MET A 255 -12.46 0.84 -3.25
C MET A 255 -12.06 2.17 -2.63
N ASN A 256 -12.60 3.23 -3.17
CA ASN A 256 -12.25 4.57 -2.85
C ASN A 256 -12.96 5.02 -1.61
N SER A 257 -14.06 4.37 -1.29
CA SER A 257 -14.67 4.70 -0.04
C SER A 257 -14.38 3.73 1.07
N LYS A 258 -15.04 2.59 1.03
CA LYS A 258 -14.92 1.66 2.14
C LYS A 258 -13.48 1.26 2.44
N VAL A 259 -12.83 0.61 1.48
CA VAL A 259 -11.49 0.01 1.60
C VAL A 259 -10.33 1.00 1.81
N ARG A 260 -10.37 2.19 1.23
CA ARG A 260 -9.23 3.10 1.39
C ARG A 260 -9.02 3.49 2.85
N LYS A 261 -10.09 3.58 3.66
CA LYS A 261 -9.93 3.89 5.08
C LYS A 261 -9.21 2.85 5.86
N ARG A 262 -9.16 1.63 5.37
CA ARG A 262 -8.52 0.54 6.10
C ARG A 262 -7.12 0.19 5.60
N ARG A 263 -6.62 0.84 4.52
CA ARG A 263 -5.28 0.69 3.97
C ARG A 263 -4.34 1.82 4.36
N ILE A 264 -3.07 1.45 4.47
CA ILE A 264 -2.00 2.38 4.80
C ILE A 264 -1.83 3.50 3.79
N THR A 265 -2.47 3.37 2.62
CA THR A 265 -2.31 4.18 1.41
C THR A 265 -3.23 5.39 1.44
N LYS A 266 -3.91 5.62 2.55
CA LYS A 266 -4.90 6.67 2.60
C LYS A 266 -4.21 8.01 2.73
N ASP A 267 -3.03 8.11 3.35
CA ASP A 267 -2.23 9.33 3.30
C ASP A 267 -1.13 9.13 2.27
N ASP A 268 -0.38 10.18 2.02
CA ASP A 268 0.53 10.17 0.88
C ASP A 268 1.81 9.41 1.26
N PHE A 269 2.28 9.61 2.48
CA PHE A 269 3.41 8.83 2.95
C PHE A 269 3.13 7.33 2.76
N GLY A 270 1.89 6.92 3.05
CA GLY A 270 1.48 5.52 2.95
C GLY A 270 1.60 5.03 1.52
N GLU A 271 0.94 5.70 0.58
CA GLU A 271 1.06 5.35 -0.82
C GLU A 271 2.50 5.24 -1.31
N LYS A 272 3.31 6.22 -0.99
CA LYS A 272 4.67 6.17 -1.51
C LYS A 272 5.41 4.98 -0.96
N TRP A 273 5.18 4.68 0.33
CA TRP A 273 5.80 3.52 0.95
C TRP A 273 5.34 2.21 0.30
N PHE A 274 4.03 2.04 0.22
CA PHE A 274 3.48 0.89 -0.44
C PHE A 274 4.07 0.72 -1.84
N ARG A 275 4.15 1.80 -2.63
CA ARG A 275 4.67 1.61 -4.00
C ARG A 275 6.12 1.15 -3.94
N LYS A 276 6.85 1.58 -2.90
CA LYS A 276 8.25 1.16 -2.81
C LYS A 276 8.33 -0.38 -2.71
N VAL A 277 7.43 -0.97 -1.90
CA VAL A 277 7.39 -2.42 -1.70
C VAL A 277 6.92 -3.15 -2.96
N ILE A 278 5.90 -2.66 -3.61
CA ILE A 278 5.47 -3.40 -4.80
C ILE A 278 6.58 -3.41 -5.81
N THR A 279 7.23 -2.28 -5.99
CA THR A 279 8.28 -2.24 -6.97
C THR A 279 9.42 -3.16 -6.54
N ALA A 280 9.70 -3.19 -5.23
CA ALA A 280 10.67 -4.12 -4.67
C ALA A 280 10.35 -5.57 -5.01
N LEU A 281 9.08 -5.88 -5.24
CA LEU A 281 8.64 -7.26 -5.43
C LEU A 281 8.34 -7.58 -6.87
N HIS A 282 8.44 -6.59 -7.77
CA HIS A 282 8.01 -6.71 -9.18
C HIS A 282 9.28 -6.72 -10.01
N HIS A 283 9.72 -7.92 -10.36
CA HIS A 283 11.03 -8.21 -10.96
C HIS A 283 10.98 -8.42 -12.48
N ARG A 284 9.97 -7.90 -13.14
CA ARG A 284 9.91 -7.95 -14.59
C ARG A 284 9.57 -6.59 -15.17
N LYS A 285 9.53 -6.52 -16.49
CA LYS A 285 9.19 -5.28 -17.20
C LYS A 285 7.81 -5.34 -17.83
N ARG A 286 7.27 -4.13 -18.01
CA ARG A 286 5.88 -3.94 -18.36
C ARG A 286 5.57 -4.62 -19.72
N THR A 287 4.55 -5.47 -19.76
CA THR A 287 3.98 -6.09 -20.95
C THR A 287 2.68 -5.39 -21.36
N LYS A 288 2.13 -5.80 -22.50
CA LYS A 288 0.87 -5.21 -22.96
C LYS A 288 -0.31 -5.65 -22.08
N ILE A 289 -0.17 -6.81 -21.42
CA ILE A 289 -1.24 -7.33 -20.59
C ILE A 289 -1.45 -6.38 -19.42
N ASP A 290 -0.34 -5.91 -18.83
CA ASP A 290 -0.30 -4.92 -17.77
C ASP A 290 -1.14 -3.69 -18.13
N ASP A 291 -1.17 -3.36 -19.44
CA ASP A 291 -1.87 -2.16 -19.89
C ASP A 291 -3.35 -2.45 -19.98
N TYR A 292 -3.69 -3.61 -20.53
CA TYR A 292 -5.08 -4.03 -20.55
C TYR A 292 -5.69 -4.08 -19.17
N GLU A 293 -4.90 -4.56 -18.19
CA GLU A 293 -5.36 -4.58 -16.81
C GLU A 293 -5.55 -3.15 -16.31
N ASP A 294 -4.54 -2.32 -16.45
CA ASP A 294 -4.68 -0.93 -15.98
C ASP A 294 -5.91 -0.27 -16.58
N GLN A 295 -6.28 -0.62 -17.81
CA GLN A 295 -7.50 -0.04 -18.43
C GLN A 295 -8.77 -0.57 -17.73
N TYR A 296 -8.77 -1.86 -17.38
CA TYR A 296 -9.90 -2.36 -16.63
C TYR A 296 -10.00 -1.62 -15.30
N PHE A 297 -8.88 -1.42 -14.64
CA PHE A 297 -8.89 -0.80 -13.33
C PHE A 297 -9.35 0.64 -13.44
N PHE A 298 -8.86 1.35 -14.43
CA PHE A 298 -9.32 2.70 -14.64
C PHE A 298 -10.83 2.76 -14.80
N ARG A 299 -11.38 1.90 -15.67
CA ARG A 299 -12.82 2.00 -15.88
C ARG A 299 -13.56 1.63 -14.61
N ARG A 300 -13.06 0.64 -13.89
CA ARG A 300 -13.66 0.23 -12.62
C ARG A 300 -13.63 1.40 -11.65
N ASP A 301 -12.47 2.05 -11.58
CA ASP A 301 -12.22 3.15 -10.68
C ASP A 301 -13.12 4.36 -10.99
N GLU A 302 -13.59 4.50 -12.25
CA GLU A 302 -14.49 5.60 -12.61
C GLU A 302 -15.95 5.18 -12.62
N SER A 303 -16.27 3.90 -12.47
CA SER A 303 -17.66 3.54 -12.40
C SER A 303 -18.11 3.36 -10.97
N GLU A 304 -17.25 3.59 -9.99
CA GLU A 304 -17.67 3.38 -8.62
C GLU A 304 -18.64 4.47 -8.25
N GLY A 305 -18.23 5.69 -8.46
CA GLY A 305 -19.08 6.80 -8.16
C GLY A 305 -19.28 7.08 -6.69
N ILE A 306 -20.17 8.03 -6.48
CA ILE A 306 -20.65 8.43 -5.16
C ILE A 306 -21.13 7.27 -4.29
N PRO A 307 -20.75 7.23 -3.01
CA PRO A 307 -21.18 6.13 -2.16
C PRO A 307 -22.61 6.39 -1.71
N ASP A 308 -23.18 5.41 -1.00
CA ASP A 308 -24.57 5.41 -0.59
C ASP A 308 -24.78 5.84 0.85
N SER A 309 -23.77 6.41 1.49
CA SER A 309 -23.91 6.76 2.90
C SER A 309 -23.02 7.93 3.34
N VAL A 310 -23.44 8.61 4.39
CA VAL A 310 -22.70 9.77 4.83
C VAL A 310 -21.33 9.34 5.35
N GLN A 311 -21.29 8.23 6.09
CA GLN A 311 -20.01 7.85 6.66
C GLN A 311 -19.04 7.52 5.55
N ASP A 312 -19.53 7.01 4.44
CA ASP A 312 -18.57 6.70 3.42
C ASP A 312 -18.14 7.96 2.68
N LEU A 313 -18.86 9.08 2.84
CA LEU A 313 -18.39 10.34 2.27
C LEU A 313 -17.54 11.20 3.20
N LYS A 314 -17.18 10.70 4.37
CA LYS A 314 -16.12 11.34 5.16
C LYS A 314 -14.74 11.07 4.55
N ASN A 315 -13.99 12.13 4.28
CA ASN A 315 -12.61 11.98 3.85
C ASN A 315 -12.60 11.08 2.62
N HIS A 316 -13.46 11.31 1.79
CA HIS A 316 -13.47 10.57 0.55
C HIS A 316 -12.46 11.18 -0.41
N PRO A 317 -11.75 10.37 -1.17
CA PRO A 317 -10.77 10.95 -2.12
C PRO A 317 -11.40 11.89 -3.13
N TYR A 318 -12.52 11.54 -3.74
CA TYR A 318 -13.08 12.40 -4.76
C TYR A 318 -14.22 13.33 -4.35
N TYR A 319 -14.87 13.14 -3.19
CA TYR A 319 -16.24 13.63 -3.02
C TYR A 319 -16.41 14.21 -1.64
N VAL A 320 -17.29 15.20 -1.54
CA VAL A 320 -17.60 15.78 -0.25
C VAL A 320 -19.02 16.33 -0.27
N LEU A 321 -19.71 16.13 0.87
CA LEU A 321 -21.02 16.71 1.04
C LEU A 321 -20.88 18.22 1.23
N GLU A 322 -21.81 18.97 0.69
CA GLU A 322 -21.81 20.41 0.94
C GLU A 322 -21.59 20.75 2.41
N GLN A 323 -22.12 19.94 3.32
CA GLN A 323 -22.02 20.30 4.74
C GLN A 323 -20.61 20.08 5.30
N ASP A 324 -19.76 19.30 4.63
CA ASP A 324 -18.44 19.05 5.15
C ASP A 324 -17.36 19.98 4.55
N ILE A 325 -17.75 20.91 3.65
CA ILE A 325 -16.87 21.99 3.16
C ILE A 325 -16.42 22.94 4.27
N LYS A 326 -15.09 23.08 4.45
CA LYS A 326 -14.47 23.86 5.53
C LYS A 326 -14.74 25.35 5.38
N GLN A 327 -14.66 26.03 6.53
CA GLN A 327 -14.90 27.47 6.51
C GLN A 327 -13.98 28.17 5.52
N THR A 328 -12.83 27.58 5.24
CA THR A 328 -11.82 28.21 4.40
C THR A 328 -11.88 27.77 2.96
N GLN A 329 -12.92 26.99 2.58
CA GLN A 329 -13.17 26.56 1.22
C GLN A 329 -14.39 27.23 0.58
N ILE A 330 -14.31 27.38 -0.73
CA ILE A 330 -15.44 27.77 -1.55
C ILE A 330 -15.59 26.95 -2.82
N VAL A 331 -16.78 27.07 -3.45
CA VAL A 331 -17.12 26.38 -4.70
C VAL A 331 -16.54 27.21 -5.84
N LYS A 332 -15.79 26.57 -6.70
CA LYS A 332 -15.11 27.26 -7.79
C LYS A 332 -16.11 27.88 -8.75
N PRO A 333 -15.93 29.13 -9.14
CA PRO A 333 -16.99 29.86 -9.85
C PRO A 333 -17.57 28.99 -10.98
N GLY A 334 -18.89 29.05 -11.16
CA GLY A 334 -19.59 28.34 -12.23
C GLY A 334 -19.63 26.82 -12.19
N CYS A 335 -19.26 26.22 -11.08
CA CYS A 335 -19.51 24.82 -10.76
C CYS A 335 -20.75 24.73 -9.88
N LYS A 336 -21.13 23.51 -9.54
CA LYS A 336 -22.36 23.27 -8.78
C LYS A 336 -22.29 21.84 -8.22
N GLU A 337 -23.34 21.43 -7.52
CA GLU A 337 -23.43 20.05 -7.04
C GLU A 337 -23.10 19.11 -8.18
N CYS A 338 -22.44 18.02 -7.83
CA CYS A 338 -22.26 16.94 -8.78
C CYS A 338 -23.19 15.73 -8.55
N GLY A 339 -24.05 15.76 -7.55
CA GLY A 339 -24.86 14.59 -7.24
C GLY A 339 -25.61 14.77 -5.94
N TYR A 340 -26.56 13.87 -5.69
CA TYR A 340 -27.32 13.99 -4.45
C TYR A 340 -27.14 12.73 -3.60
N LEU A 341 -27.36 12.81 -2.31
CA LEU A 341 -27.30 11.57 -1.58
C LEU A 341 -28.58 11.47 -0.79
N LYS A 342 -29.39 10.48 -1.11
CA LYS A 342 -30.56 10.20 -0.30
C LYS A 342 -30.00 9.61 0.98
N VAL A 343 -30.38 10.16 2.14
CA VAL A 343 -29.81 9.75 3.42
C VAL A 343 -30.63 8.64 4.05
N HIS A 344 -30.03 7.45 4.09
CA HIS A 344 -30.76 6.27 4.54
C HIS A 344 -31.29 6.50 5.95
N GLY A 345 -32.62 6.36 6.14
CA GLY A 345 -33.16 6.39 7.49
C GLY A 345 -33.54 7.78 7.90
N LYS A 346 -33.66 8.70 6.95
CA LYS A 346 -34.34 9.94 7.23
C LYS A 346 -35.26 10.21 6.04
N VAL A 347 -36.54 10.40 6.30
CA VAL A 347 -37.47 10.40 5.17
C VAL A 347 -37.26 11.65 4.32
N GLY A 348 -37.06 11.44 3.01
CA GLY A 348 -37.03 12.58 2.12
C GLY A 348 -35.79 13.44 2.20
N LYS A 349 -34.88 13.18 3.14
CA LYS A 349 -33.71 14.03 3.35
C LYS A 349 -32.63 13.76 2.34
N VAL A 350 -32.22 14.80 1.61
CA VAL A 350 -31.29 14.67 0.50
C VAL A 350 -30.14 15.65 0.77
N LEU A 351 -28.91 15.27 0.42
CA LEU A 351 -27.76 16.14 0.60
C LEU A 351 -27.08 16.45 -0.73
N LYS A 352 -26.50 17.63 -0.79
CA LYS A 352 -25.76 18.08 -1.96
C LYS A 352 -24.35 17.54 -1.87
N VAL A 353 -23.95 16.76 -2.89
CA VAL A 353 -22.59 16.25 -3.03
C VAL A 353 -21.88 17.07 -4.09
N TYR A 354 -20.73 17.67 -3.71
CA TYR A 354 -19.79 18.32 -4.61
C TYR A 354 -18.57 17.42 -4.84
N ALA A 355 -18.06 17.48 -6.06
CA ALA A 355 -16.72 16.99 -6.40
C ALA A 355 -15.56 17.82 -5.77
N LYS A 356 -14.55 17.14 -5.22
CA LYS A 356 -13.49 17.89 -4.56
C LYS A 356 -12.70 18.75 -5.54
N ARG A 357 -12.61 18.36 -6.81
CA ARG A 357 -11.92 19.21 -7.78
C ARG A 357 -12.63 20.54 -8.03
N ASP A 358 -13.89 20.67 -7.64
CA ASP A 358 -14.60 21.93 -7.79
C ASP A 358 -14.55 22.76 -6.53
N ILE A 359 -13.74 22.34 -5.57
CA ILE A 359 -13.60 23.06 -4.31
C ILE A 359 -12.20 23.63 -4.26
N ALA A 360 -12.13 24.88 -3.89
CA ALA A 360 -10.89 25.61 -3.82
C ALA A 360 -10.53 25.83 -2.36
N ASP A 361 -9.25 25.69 -2.05
CA ASP A 361 -8.75 26.01 -0.73
C ASP A 361 -8.23 27.43 -0.79
N LEU A 362 -8.64 28.23 0.18
CA LEU A 362 -8.24 29.61 0.25
C LEU A 362 -7.37 29.86 1.47
N LYS A 363 -6.51 30.83 1.34
CA LYS A 363 -5.53 31.19 2.36
C LYS A 363 -5.37 32.70 2.35
N SER A 364 -4.99 33.25 3.50
CA SER A 364 -4.73 34.68 3.53
C SER A 364 -3.36 34.96 2.92
N ALA A 365 -3.05 36.24 2.84
CA ALA A 365 -1.80 36.68 2.20
C ALA A 365 -0.60 36.11 2.97
N ARG A 366 -0.60 36.25 4.31
CA ARG A 366 0.51 35.70 5.07
C ARG A 366 0.64 34.19 4.86
N GLN A 367 -0.47 33.46 4.93
CA GLN A 367 -0.44 32.01 4.77
C GLN A 367 0.17 31.62 3.42
N TRP A 368 -0.15 32.41 2.39
CA TRP A 368 0.39 32.11 1.07
C TRP A 368 1.88 32.33 1.09
N TYR A 369 2.31 33.49 1.64
CA TYR A 369 3.74 33.75 1.74
C TYR A 369 4.39 32.56 2.40
N MET A 370 3.68 31.95 3.36
CA MET A 370 4.25 30.86 4.09
C MET A 370 4.31 29.60 3.26
N ASN A 371 3.65 29.61 2.10
CA ASN A 371 3.83 28.62 1.04
C ASN A 371 4.64 29.16 -0.11
N GLY A 372 5.25 30.33 0.07
CA GLY A 372 6.13 30.87 -0.96
C GLY A 372 5.44 31.46 -2.16
N ARG A 373 4.31 32.12 -1.95
CA ARG A 373 3.52 32.67 -3.03
C ARG A 373 3.09 34.08 -2.63
N ILE A 374 3.01 34.94 -3.64
CA ILE A 374 2.56 36.31 -3.46
C ILE A 374 1.39 36.53 -4.40
N LEU A 375 0.72 37.66 -4.27
CA LEU A 375 -0.57 37.85 -4.90
C LEU A 375 -0.63 38.97 -5.90
N LYS A 376 -1.22 38.68 -7.06
CA LYS A 376 -1.41 39.68 -8.10
C LYS A 376 -2.38 39.29 -9.19
N GLY A 378 -2.76 42.54 -8.45
CA GLY A 378 -3.97 42.98 -7.78
C GLY A 378 -5.13 42.01 -7.96
N SER A 379 -5.34 41.18 -6.96
CA SER A 379 -6.39 40.19 -7.00
C SER A 379 -7.63 40.70 -6.24
N ARG A 380 -8.48 39.78 -5.80
CA ARG A 380 -9.68 40.09 -5.04
C ARG A 380 -9.92 39.03 -3.97
N CYS A 381 -10.40 39.45 -2.80
CA CYS A 381 -10.58 38.44 -1.78
C CYS A 381 -11.83 37.62 -2.07
N LYS A 382 -11.77 36.36 -1.67
CA LYS A 382 -12.87 35.45 -1.96
C LYS A 382 -13.82 35.31 -0.79
N LYS A 383 -13.38 35.69 0.41
CA LYS A 383 -14.10 35.43 1.67
C LYS A 383 -13.25 36.07 2.77
N VAL A 384 -13.86 36.41 3.92
CA VAL A 384 -13.18 37.09 5.04
C VAL A 384 -13.61 36.41 6.33
N ILE A 385 -12.69 36.25 7.26
CA ILE A 385 -13.07 35.55 8.49
C ILE A 385 -12.49 36.14 9.82
N ALA A 400 -10.88 39.11 11.07
CA ALA A 400 -11.27 39.60 9.76
C ALA A 400 -10.06 39.98 8.92
N GLU A 401 -9.88 39.16 7.89
CA GLU A 401 -8.64 38.97 7.15
C GLU A 401 -9.00 38.39 5.80
N ARG A 402 -8.58 39.03 4.71
CA ARG A 402 -8.96 38.58 3.37
C ARG A 402 -8.18 37.34 2.90
N LEU A 403 -8.91 36.39 2.30
CA LEU A 403 -8.37 35.14 1.77
C LEU A 403 -8.47 35.05 0.26
N TYR A 404 -7.54 34.33 -0.36
CA TYR A 404 -7.47 34.31 -1.81
C TYR A 404 -7.28 32.89 -2.35
N SER A 405 -7.79 32.63 -3.55
CA SER A 405 -7.58 31.34 -4.22
C SER A 405 -6.16 31.18 -4.79
N PHE A 406 -5.80 29.92 -5.04
CA PHE A 406 -4.50 29.58 -5.59
C PHE A 406 -4.21 30.20 -6.94
N GLU A 407 -5.22 30.55 -7.72
CA GLU A 407 -4.87 31.00 -9.06
C GLU A 407 -4.73 32.50 -9.12
N ASP A 408 -5.09 33.14 -8.01
CA ASP A 408 -4.80 34.53 -7.70
C ASP A 408 -3.34 34.79 -7.41
N THR A 409 -2.51 33.75 -7.31
CA THR A 409 -1.22 33.84 -6.66
C THR A 409 -0.10 33.49 -7.62
N GLU A 410 1.13 33.70 -7.14
CA GLU A 410 2.30 33.56 -7.99
C GLU A 410 3.51 33.27 -7.13
N LEU A 411 4.46 32.54 -7.70
CA LEU A 411 5.69 32.29 -6.94
C LEU A 411 6.35 33.58 -6.53
N TYR A 412 6.99 33.53 -5.38
CA TYR A 412 7.85 34.60 -4.92
C TYR A 412 9.28 34.25 -5.28
N ILE A 413 9.93 35.09 -6.10
CA ILE A 413 11.34 34.94 -6.43
C ILE A 413 12.11 36.00 -5.61
N PRO A 414 12.83 35.59 -4.57
CA PRO A 414 13.56 36.58 -3.77
C PRO A 414 14.80 37.10 -4.48
N PRO A 415 15.18 38.35 -4.23
CA PRO A 415 16.36 38.92 -4.87
C PRO A 415 17.61 38.05 -4.61
N LEU A 416 18.50 37.97 -5.61
CA LEU A 416 19.74 37.17 -5.51
C LEU A 416 20.79 37.65 -4.51
N ALA A 419 27.18 39.72 -5.30
CA ALA A 419 28.47 39.25 -5.79
C ALA A 419 29.30 38.82 -4.60
N SER A 420 29.47 39.73 -3.64
CA SER A 420 30.27 39.43 -2.46
C SER A 420 29.51 38.46 -1.57
N GLY A 421 28.22 38.73 -1.38
CA GLY A 421 27.26 37.73 -0.98
C GLY A 421 26.35 38.26 0.09
N GLU A 422 26.11 39.57 0.10
CA GLU A 422 25.19 40.14 1.06
C GLU A 422 23.80 39.80 0.51
N ILE A 423 22.90 39.32 1.38
CA ILE A 423 21.55 38.98 0.96
C ILE A 423 20.58 40.01 1.51
N THR A 424 19.64 40.53 0.68
CA THR A 424 18.73 41.50 1.27
C THR A 424 17.73 40.70 2.10
N LYS A 425 17.63 40.99 3.38
CA LYS A 425 16.83 40.16 4.28
C LYS A 425 15.68 40.96 4.88
N ASN A 426 14.82 40.30 5.66
CA ASN A 426 13.75 41.03 6.32
C ASN A 426 14.34 42.06 7.29
N THR A 427 13.45 42.80 7.97
CA THR A 427 13.84 43.85 8.89
C THR A 427 14.78 43.39 10.00
N PHE A 428 14.72 42.12 10.35
CA PHE A 428 15.44 41.59 11.49
C PHE A 428 16.74 40.93 11.14
N GLY A 429 17.11 40.90 9.88
CA GLY A 429 18.41 40.38 9.54
C GLY A 429 18.34 38.86 9.47
N ASN A 430 17.17 38.30 9.19
CA ASN A 430 17.00 36.87 8.99
C ASN A 430 16.39 36.68 7.62
N ILE A 431 16.22 35.42 7.25
CA ILE A 431 15.47 35.09 6.05
C ILE A 431 14.31 34.18 6.37
N GLU A 432 13.18 34.45 5.74
CA GLU A 432 11.98 33.69 5.99
C GLU A 432 12.07 32.62 4.91
N VAL A 433 12.23 31.35 5.30
CA VAL A 433 12.31 30.26 4.33
C VAL A 433 11.29 29.19 4.67
N PHE A 434 10.13 29.29 4.07
CA PHE A 434 9.09 28.31 4.27
C PHE A 434 8.99 27.35 3.10
N ALA A 435 9.93 27.44 2.13
CA ALA A 435 9.88 26.60 0.96
C ALA A 435 11.12 26.71 0.06
N PRO A 436 11.60 25.61 -0.54
CA PRO A 436 12.84 25.64 -1.35
C PRO A 436 12.88 26.78 -2.36
N THR A 437 11.74 27.04 -2.98
CA THR A 437 11.55 28.20 -3.85
C THR A 437 12.10 29.49 -3.27
N MET A 438 12.07 29.63 -1.95
CA MET A 438 12.36 30.90 -1.28
C MET A 438 13.85 31.15 -0.96
N ILE A 439 14.71 30.19 -1.21
CA ILE A 439 16.16 30.42 -1.29
C ILE A 439 16.50 31.17 -2.58
N PRO A 440 17.18 32.32 -2.53
CA PRO A 440 17.59 32.98 -3.78
C PRO A 440 18.34 32.00 -4.66
N GLY A 441 18.45 32.32 -5.94
CA GLY A 441 18.93 31.35 -6.89
C GLY A 441 20.41 31.04 -6.69
N ASN A 442 21.21 32.08 -6.40
CA ASN A 442 22.66 31.98 -6.22
C ASN A 442 23.10 31.60 -4.81
N CYS A 443 22.18 31.19 -3.92
CA CYS A 443 22.45 30.97 -2.50
C CYS A 443 22.15 29.52 -2.15
N CYS A 444 22.56 29.08 -0.97
CA CYS A 444 22.12 27.78 -0.49
C CYS A 444 21.65 27.90 0.95
N LEU A 445 20.77 26.98 1.39
CA LEU A 445 20.34 26.91 2.78
C LEU A 445 21.16 25.83 3.47
N VAL A 446 21.75 26.17 4.63
CA VAL A 446 22.47 25.25 5.49
C VAL A 446 21.85 25.23 6.88
N GLU A 447 21.25 24.11 7.26
CA GLU A 447 20.52 24.05 8.53
C GLU A 447 21.36 23.39 9.62
N ASN A 448 21.61 24.14 10.71
CA ASN A 448 22.47 23.63 11.79
C ASN A 448 22.46 24.62 12.97
N PRO A 449 22.25 24.13 14.21
CA PRO A 449 22.11 25.03 15.36
C PRO A 449 23.15 26.08 15.56
N VAL A 450 24.39 25.73 15.20
CA VAL A 450 25.56 26.57 15.34
C VAL A 450 25.98 27.20 14.05
N ALA A 451 25.25 26.93 12.96
CA ALA A 451 25.61 27.52 11.67
C ALA A 451 25.84 29.02 11.80
N ILE A 452 25.08 29.69 12.67
CA ILE A 452 25.30 31.11 12.88
C ILE A 452 26.64 31.31 13.58
N LYS A 453 26.98 30.45 14.54
CA LYS A 453 28.27 30.55 15.20
C LYS A 453 29.40 30.42 14.18
N ALA A 454 29.38 29.32 13.42
CA ALA A 454 30.29 29.10 12.31
C ALA A 454 30.40 30.36 11.46
N ALA A 455 29.32 30.74 10.78
CA ALA A 455 29.35 31.91 9.92
C ALA A 455 29.93 33.16 10.59
N ARG A 456 29.66 33.39 11.87
CA ARG A 456 30.13 34.61 12.53
C ARG A 456 31.66 34.56 12.76
N PHE A 457 32.18 33.35 13.11
CA PHE A 457 33.60 33.11 13.38
C PHE A 457 34.48 33.34 12.15
N LEU A 458 34.13 32.74 11.02
CA LEU A 458 34.77 33.01 9.73
C LEU A 458 34.21 34.20 8.91
N GLY A 459 33.52 35.18 9.50
CA GLY A 459 32.89 36.28 8.73
C GLY A 459 31.92 36.00 7.57
N VAL A 460 32.32 36.29 6.33
CA VAL A 460 31.67 35.89 5.08
C VAL A 460 30.59 36.91 4.67
N GLU A 461 29.32 36.54 4.78
CA GLU A 461 28.14 37.32 4.39
C GLU A 461 27.03 36.29 4.28
N PHE A 462 26.45 35.89 5.42
CA PHE A 462 25.44 34.84 5.46
C PHE A 462 24.09 35.49 5.73
N ALA A 463 23.14 34.69 6.14
CA ALA A 463 21.89 35.24 6.62
C ALA A 463 21.13 34.14 7.33
N PRO A 464 20.65 34.39 8.55
CA PRO A 464 19.89 33.38 9.28
C PRO A 464 18.61 32.97 8.58
N ALA A 465 18.30 31.69 8.64
CA ALA A 465 17.08 31.15 8.06
C ALA A 465 16.02 31.02 9.14
N VAL A 466 14.89 31.71 8.96
CA VAL A 466 13.66 31.45 9.74
C VAL A 466 12.81 30.46 8.94
N THR A 467 12.70 29.21 9.40
CA THR A 467 11.99 28.16 8.64
C THR A 467 10.59 27.83 9.16
N SER A 468 10.12 28.42 10.25
CA SER A 468 8.89 27.93 10.87
C SER A 468 8.65 28.72 12.14
N PHE A 469 7.55 28.52 12.83
CA PHE A 469 7.36 29.22 14.10
C PHE A 469 7.22 28.20 15.23
N LYS A 470 7.70 28.60 16.42
CA LYS A 470 7.55 27.89 17.70
C LYS A 470 6.47 28.39 18.68
N LYS A 478 7.12 34.31 17.73
CA LYS A 478 7.48 32.90 17.94
C LYS A 478 8.31 32.34 16.71
N PRO A 479 9.41 33.08 16.27
CA PRO A 479 10.16 32.66 15.06
C PRO A 479 10.99 31.41 15.26
N VAL A 480 11.71 30.98 14.21
CA VAL A 480 12.72 29.93 14.38
C VAL A 480 13.85 30.13 13.38
N LEU A 481 15.05 30.45 13.85
CA LEU A 481 16.20 30.49 12.96
C LEU A 481 16.82 29.10 13.08
N SER A 482 16.65 28.27 12.07
CA SER A 482 17.16 26.90 12.16
C SER A 482 18.53 26.77 11.52
N GLY A 483 19.01 27.83 10.86
CA GLY A 483 20.23 27.76 10.10
C GLY A 483 20.49 29.04 9.33
N ILE A 484 21.21 28.89 8.23
CA ILE A 484 21.83 30.00 7.50
C ILE A 484 21.46 29.92 6.03
N VAL A 485 21.35 31.09 5.41
CA VAL A 485 21.34 31.24 3.96
C VAL A 485 22.57 32.03 3.51
N VAL A 486 23.47 31.37 2.77
CA VAL A 486 24.69 31.99 2.27
C VAL A 486 24.81 31.73 0.78
N ALA A 487 25.61 32.57 0.13
CA ALA A 487 25.88 32.38 -1.28
C ALA A 487 26.42 30.95 -1.43
N LYS A 488 26.17 30.30 -2.57
CA LYS A 488 26.70 28.94 -2.70
C LYS A 488 28.21 28.86 -2.69
N TRP A 489 28.92 29.88 -3.21
CA TRP A 489 30.37 29.71 -3.25
C TRP A 489 30.94 29.51 -1.84
N LEU A 490 30.35 30.16 -0.84
CA LEU A 490 30.77 30.07 0.56
C LEU A 490 30.23 28.88 1.33
N ARG A 491 29.39 28.05 0.73
CA ARG A 491 28.82 26.96 1.52
C ARG A 491 29.90 26.06 2.08
N GLU A 492 30.84 25.64 1.24
CA GLU A 492 31.84 24.65 1.67
C GLU A 492 32.58 25.12 2.91
N ALA A 493 32.87 26.43 2.98
CA ALA A 493 33.65 26.93 4.11
C ALA A 493 32.90 26.69 5.40
N ILE A 494 31.64 27.13 5.47
CA ILE A 494 30.83 26.90 6.66
C ILE A 494 30.84 25.41 7.02
N GLU A 495 30.64 24.56 6.02
CA GLU A 495 30.57 23.13 6.31
C GLU A 495 31.85 22.67 7.01
N THR A 496 32.99 23.22 6.61
CA THR A 496 34.23 22.87 7.28
C THR A 496 34.25 23.44 8.71
N ALA A 497 33.96 24.75 8.86
CA ALA A 497 33.93 25.38 10.18
C ALA A 497 32.96 24.66 11.11
N ILE A 498 31.78 24.30 10.60
CA ILE A 498 30.83 23.56 11.42
C ILE A 498 31.47 22.25 11.85
N ASP A 499 32.14 21.57 10.91
CA ASP A 499 32.76 20.29 11.23
C ASP A 499 33.80 20.46 12.34
N GLY A 500 34.38 21.66 12.43
CA GLY A 500 35.38 21.97 13.42
C GLY A 500 34.85 22.81 14.58
N ILE A 501 33.56 22.70 14.93
CA ILE A 501 33.00 23.71 15.83
C ILE A 501 33.65 23.58 17.19
N GLU A 502 34.07 22.37 17.55
CA GLU A 502 34.71 22.18 18.84
C GLU A 502 35.96 23.00 18.96
N PHE A 503 36.48 23.53 17.85
CA PHE A 503 37.76 24.16 17.95
C PHE A 503 37.64 25.66 18.08
N ILE A 504 36.42 26.19 17.99
CA ILE A 504 36.18 27.58 18.24
C ILE A 504 36.43 27.90 19.74
N ALA B 1 21.84 1.02 9.62
CA ALA B 1 20.65 0.36 9.07
C ALA B 1 20.97 -1.06 8.69
N GLY B 2 20.89 -1.99 9.63
CA GLY B 2 21.56 -3.26 9.44
C GLY B 2 21.27 -4.21 10.58
N LEU B 3 21.62 -5.48 10.32
CA LEU B 3 21.20 -6.64 11.11
C LEU B 3 22.18 -7.78 10.91
N THR B 4 22.24 -8.69 11.88
CA THR B 4 23.19 -9.78 11.76
C THR B 4 22.76 -10.63 10.57
N VAL B 5 23.48 -11.72 10.32
CA VAL B 5 23.04 -12.67 9.32
C VAL B 5 22.36 -13.87 9.90
N GLU B 6 22.42 -14.05 11.22
CA GLU B 6 21.75 -15.18 11.82
C GLU B 6 20.27 -14.85 11.99
N ASP B 7 20.00 -13.57 12.29
CA ASP B 7 18.63 -13.14 12.37
C ASP B 7 18.05 -12.98 10.98
N LEU B 8 18.77 -12.37 10.04
CA LEU B 8 18.23 -12.32 8.69
C LEU B 8 17.94 -13.67 8.08
N LEU B 9 18.70 -14.68 8.46
CA LEU B 9 18.40 -15.99 7.92
C LEU B 9 17.13 -16.55 8.57
N SER B 10 17.06 -16.56 9.92
CA SER B 10 15.90 -17.15 10.57
C SER B 10 14.64 -16.42 10.14
N LEU B 11 14.76 -15.13 9.83
CA LEU B 11 13.58 -14.36 9.52
C LEU B 11 13.11 -14.71 8.11
N ARG B 12 14.05 -14.81 7.16
CA ARG B 12 13.72 -15.32 5.84
C ARG B 12 13.09 -16.69 5.98
N GLN B 13 13.53 -17.50 6.92
CA GLN B 13 13.01 -18.86 6.94
C GLN B 13 11.58 -18.88 7.48
N VAL B 14 11.30 -18.15 8.55
CA VAL B 14 9.93 -18.02 9.04
C VAL B 14 9.02 -17.41 7.97
N VAL B 15 9.44 -16.28 7.44
CA VAL B 15 8.67 -15.59 6.41
C VAL B 15 8.38 -16.55 5.27
N SER B 16 9.28 -17.40 4.92
CA SER B 16 9.08 -18.28 3.78
C SER B 16 8.16 -19.47 4.08
N GLY B 17 8.42 -20.17 5.17
CA GLY B 17 7.64 -21.38 5.40
C GLY B 17 6.73 -21.45 6.59
N ASN B 18 6.84 -20.55 7.54
CA ASN B 18 5.97 -20.60 8.72
C ASN B 18 5.53 -19.20 9.12
N PRO B 19 4.85 -18.45 8.24
CA PRO B 19 4.53 -17.06 8.61
C PRO B 19 3.51 -16.93 9.71
N GLU B 20 2.72 -17.96 9.99
CA GLU B 20 1.85 -17.94 11.15
C GLU B 20 2.63 -17.57 12.43
N ALA B 21 3.89 -18.05 12.54
CA ALA B 21 4.80 -17.85 13.69
C ALA B 21 5.62 -16.56 13.66
N LEU B 22 5.43 -15.70 12.66
CA LEU B 22 6.10 -14.39 12.61
C LEU B 22 6.04 -13.57 13.90
N ALA B 23 4.90 -13.46 14.50
CA ALA B 23 4.65 -12.49 15.56
C ALA B 23 5.71 -12.38 16.66
N PRO B 24 6.03 -13.45 17.39
CA PRO B 24 7.06 -13.30 18.44
C PRO B 24 8.46 -13.00 17.93
N LEU B 25 8.84 -13.50 16.74
CA LEU B 25 10.18 -13.23 16.25
C LEU B 25 10.33 -11.74 15.98
N LEU B 26 9.31 -11.13 15.36
CA LEU B 26 9.34 -9.71 15.01
C LEU B 26 9.32 -8.85 16.24
N GLU B 27 8.57 -9.29 17.25
CA GLU B 27 8.59 -8.62 18.53
C GLU B 27 10.04 -8.58 19.04
N ASN B 28 10.65 -9.77 19.18
CA ASN B 28 12.05 -9.90 19.57
C ASN B 28 12.95 -8.97 18.76
N ILE B 29 13.04 -9.22 17.47
CA ILE B 29 14.02 -8.51 16.68
C ILE B 29 13.74 -7.02 16.76
N SER B 30 12.45 -6.63 16.76
CA SER B 30 12.23 -5.18 16.83
C SER B 30 12.72 -4.63 18.17
N ALA B 31 12.62 -5.44 19.24
CA ALA B 31 13.19 -5.08 20.54
C ALA B 31 14.71 -5.12 20.55
N ARG B 32 15.34 -5.85 19.64
CA ARG B 32 16.79 -5.84 19.60
C ARG B 32 17.36 -4.89 18.57
N TYR B 33 16.54 -4.21 17.78
CA TYR B 33 17.09 -3.33 16.75
C TYR B 33 16.19 -2.12 16.63
N PRO B 34 16.30 -1.19 17.56
CA PRO B 34 15.40 -0.02 17.52
C PRO B 34 15.46 0.67 16.16
N GLN B 35 16.67 0.91 15.63
CA GLN B 35 16.78 1.68 14.39
C GLN B 35 16.02 1.01 13.26
N LEU B 36 15.85 -0.31 13.28
CA LEU B 36 15.09 -0.98 12.22
C LEU B 36 13.75 -0.29 11.93
N ARG B 37 13.04 0.11 12.99
CA ARG B 37 11.77 0.80 12.86
C ARG B 37 11.82 1.93 11.83
N GLU B 38 12.73 2.92 12.04
CA GLU B 38 12.70 4.09 11.16
C GLU B 38 13.18 3.78 9.78
N HIS B 39 13.99 2.72 9.70
CA HIS B 39 14.49 2.17 8.46
C HIS B 39 13.32 1.72 7.63
N ILE B 40 12.50 0.89 8.24
CA ILE B 40 11.37 0.32 7.57
C ILE B 40 10.48 1.43 7.04
N MET B 41 10.48 2.59 7.71
CA MET B 41 9.60 3.65 7.23
C MET B 41 10.20 4.36 6.05
N ALA B 42 11.50 4.56 6.07
CA ALA B 42 12.17 5.29 5.03
C ALA B 42 12.44 4.43 3.80
N ASN B 43 12.97 3.24 4.05
CA ASN B 43 13.59 2.41 3.02
C ASN B 43 13.16 0.95 3.13
N PRO B 44 11.89 0.69 2.94
CA PRO B 44 11.41 -0.70 2.98
C PRO B 44 12.08 -1.60 1.94
N GLU B 45 12.27 -1.07 0.74
CA GLU B 45 12.78 -1.84 -0.37
C GLU B 45 14.15 -2.46 -0.09
N VAL B 46 14.91 -1.86 0.82
CA VAL B 46 16.19 -2.43 1.19
C VAL B 46 15.96 -3.68 2.03
N PHE B 47 15.26 -3.53 3.14
CA PHE B 47 14.85 -4.67 3.94
C PHE B 47 14.20 -5.80 3.11
N VAL B 48 13.30 -5.45 2.17
CA VAL B 48 12.80 -6.47 1.24
C VAL B 48 13.96 -7.22 0.60
N SER B 49 14.73 -6.51 -0.28
CA SER B 49 15.83 -7.13 -1.03
C SER B 49 16.75 -7.98 -0.12
N MET B 50 17.06 -7.48 1.08
CA MET B 50 17.79 -8.30 2.05
C MET B 50 17.12 -9.65 2.29
N LEU B 51 15.77 -9.65 2.37
CA LEU B 51 15.02 -10.90 2.60
C LEU B 51 14.88 -11.83 1.39
N LEU B 52 15.12 -11.28 0.20
CA LEU B 52 15.10 -11.90 -1.14
C LEU B 52 16.44 -12.53 -1.50
N GLU B 53 17.54 -11.79 -1.36
CA GLU B 53 18.87 -12.39 -1.50
C GLU B 53 19.52 -12.87 -0.22
N ALA B 54 18.86 -13.68 0.58
CA ALA B 54 19.63 -14.66 1.33
C ALA B 54 19.88 -15.91 0.45
N VAL B 55 19.80 -15.72 -0.88
CA VAL B 55 20.07 -16.73 -1.90
C VAL B 55 21.34 -16.34 -2.67
N GLY B 56 22.41 -16.00 -1.95
CA GLY B 56 23.72 -16.01 -2.56
C GLY B 56 24.11 -17.44 -2.87
N ASP B 57 23.43 -18.11 -3.79
CA ASP B 57 23.52 -19.57 -3.91
C ASP B 57 23.71 -20.02 -5.35
#